data_5XHL
#
_entry.id   5XHL
#
_cell.length_a   153.625
_cell.length_b   153.625
_cell.length_c   36.761
_cell.angle_alpha   90.000
_cell.angle_beta   90.000
_cell.angle_gamma   120.000
#
_symmetry.space_group_name_H-M   'P 61'
#
loop_
_entity.id
_entity.type
_entity.pdbx_description
1 polymer 'Heme acquisition protein HasAp'
2 non-polymer 'Phthalocyanine containing GA'
3 water water
#
_entity_poly.entity_id   1
_entity_poly.type   'polypeptide(L)'
_entity_poly.pdbx_seq_one_letter_code
;MSISISYSTTYSGWTVADYLADWSAYFGDVNHRPGQVVDGSNTGGFNPGPFDGSQYALKSTASDAAFIAGGDLHYTLFSN
PSHTLWGKLDSIALGDTLTGGASSGGYALDSQEVSFSNLGLDSPIAQGRDGTVHKVVYGLMSGDSSALQGQIDALLKAVD
PSLSINSTFDQLAAAGVAHATPAA
;
_entity_poly.pdbx_strand_id   A,B
#
loop_
_chem_comp.id
_chem_comp.type
_chem_comp.name
_chem_comp.formula
VPC non-polymer 'Phthalocyanine containing GA' 'C32 H16 Ga N8'
#
# COMPACT_ATOMS: atom_id res chain seq x y z
N MET A 1 7.37 2.13 19.05
CA MET A 1 6.96 0.68 19.18
C MET A 1 8.03 -0.27 18.64
N SER A 2 7.80 -1.58 18.87
CA SER A 2 8.75 -2.65 18.56
C SER A 2 8.40 -3.43 17.28
N ILE A 3 9.33 -4.29 16.87
CA ILE A 3 9.28 -4.96 15.57
C ILE A 3 7.90 -5.55 15.21
N SER A 4 7.51 -5.35 13.96
CA SER A 4 6.21 -5.75 13.45
C SER A 4 6.40 -6.44 12.09
N ILE A 5 5.87 -7.66 11.98
CA ILE A 5 6.14 -8.53 10.84
C ILE A 5 4.85 -8.84 10.09
N SER A 6 4.96 -8.89 8.76
CA SER A 6 3.88 -9.35 7.89
C SER A 6 4.39 -10.55 7.13
N TYR A 7 3.56 -11.57 6.98
CA TYR A 7 3.97 -12.80 6.29
C TYR A 7 2.81 -13.40 5.52
N SER A 8 3.12 -13.93 4.34
CA SER A 8 2.20 -14.69 3.54
C SER A 8 1.84 -16.00 4.30
N THR A 9 0.59 -16.48 4.16
CA THR A 9 0.16 -17.75 4.82
C THR A 9 1.04 -18.94 4.41
N THR A 10 1.58 -18.88 3.19
CA THR A 10 2.55 -19.88 2.69
C THR A 10 3.64 -20.23 3.69
N TYR A 11 4.20 -19.20 4.31
CA TYR A 11 5.34 -19.35 5.22
C TYR A 11 4.97 -19.55 6.72
N SER A 12 3.68 -19.76 7.02
CA SER A 12 3.18 -20.00 8.40
C SER A 12 4.10 -20.93 9.22
N GLY A 13 4.41 -22.10 8.65
CA GLY A 13 5.31 -23.08 9.26
C GLY A 13 6.80 -22.82 9.12
N TRP A 14 7.20 -22.03 8.13
CA TRP A 14 8.63 -21.73 7.88
C TRP A 14 9.28 -20.92 9.01
N THR A 15 10.58 -21.06 9.17
CA THR A 15 11.36 -20.21 10.10
C THR A 15 11.90 -18.97 9.38
N VAL A 16 12.17 -17.90 10.14
CA VAL A 16 12.57 -16.61 9.53
C VAL A 16 13.92 -16.78 8.86
N ALA A 17 14.83 -17.47 9.53
CA ALA A 17 16.15 -17.81 8.98
C ALA A 17 16.07 -18.65 7.70
N ASP A 18 15.23 -19.67 7.69
CA ASP A 18 15.06 -20.51 6.49
C ASP A 18 14.53 -19.69 5.32
N TYR A 19 13.50 -18.88 5.61
CA TYR A 19 12.92 -17.96 4.63
C TYR A 19 13.96 -17.04 4.01
N LEU A 20 14.77 -16.41 4.86
CA LEU A 20 15.72 -15.43 4.39
C LEU A 20 16.84 -16.01 3.55
N ALA A 21 17.23 -17.24 3.84
CA ALA A 21 18.33 -17.90 3.12
C ALA A 21 17.87 -18.26 1.74
N ASP A 22 16.66 -18.82 1.64
CA ASP A 22 16.07 -19.08 0.32
C ASP A 22 15.73 -17.75 -0.42
N TRP A 23 15.23 -16.72 0.26
CA TRP A 23 14.98 -15.45 -0.42
C TRP A 23 16.26 -14.87 -1.01
N SER A 24 17.30 -14.77 -0.18
CA SER A 24 18.58 -14.16 -0.59
C SER A 24 19.23 -14.90 -1.77
N ALA A 25 19.13 -16.22 -1.76
CA ALA A 25 19.60 -17.07 -2.85
C ALA A 25 18.77 -16.90 -4.12
N TYR A 26 17.45 -16.79 -3.96
CA TYR A 26 16.53 -16.51 -5.07
C TYR A 26 16.75 -15.12 -5.69
N PHE A 27 17.04 -14.11 -4.85
CA PHE A 27 17.33 -12.75 -5.31
C PHE A 27 18.67 -12.69 -6.00
N GLY A 28 19.66 -13.37 -5.41
CA GLY A 28 20.99 -13.43 -5.99
C GLY A 28 21.81 -12.16 -5.75
N ASP A 29 22.70 -11.87 -6.69
CA ASP A 29 23.65 -10.78 -6.55
C ASP A 29 23.55 -9.91 -7.80
N VAL A 30 23.25 -8.61 -7.62
CA VAL A 30 23.22 -7.65 -8.76
C VAL A 30 24.60 -7.10 -9.17
N ASN A 31 25.64 -7.52 -8.45
CA ASN A 31 27.03 -7.15 -8.71
C ASN A 31 27.26 -5.64 -8.71
N HIS A 32 26.78 -5.01 -7.65
CA HIS A 32 26.88 -3.60 -7.42
C HIS A 32 28.18 -3.31 -6.64
N ARG A 33 29.25 -3.17 -7.41
CA ARG A 33 30.63 -3.14 -6.94
C ARG A 33 31.43 -2.18 -7.81
N PRO A 34 32.63 -1.80 -7.35
CA PRO A 34 33.44 -0.87 -8.14
C PRO A 34 33.73 -1.43 -9.53
N GLY A 35 33.64 -0.59 -10.55
CA GLY A 35 33.74 -1.02 -11.94
C GLY A 35 32.63 -1.89 -12.52
N GLN A 36 31.58 -2.16 -11.74
CA GLN A 36 30.42 -2.98 -12.16
C GLN A 36 29.07 -2.24 -12.12
N VAL A 37 29.08 -0.94 -11.84
CA VAL A 37 27.92 -0.07 -11.97
C VAL A 37 28.21 0.79 -13.18
N VAL A 38 27.97 0.22 -14.36
CA VAL A 38 28.26 0.90 -15.64
C VAL A 38 27.04 1.45 -16.37
N ASP A 39 25.86 1.06 -15.91
CA ASP A 39 24.58 1.54 -16.44
C ASP A 39 23.48 1.51 -15.36
N GLY A 40 22.21 1.67 -15.76
CA GLY A 40 21.10 1.71 -14.81
C GLY A 40 20.50 0.38 -14.36
N SER A 41 20.97 -0.75 -14.89
CA SER A 41 20.36 -2.06 -14.62
C SER A 41 20.54 -2.60 -13.20
N ASN A 42 21.57 -2.14 -12.51
CA ASN A 42 21.85 -2.64 -11.14
C ASN A 42 22.04 -1.57 -10.07
N THR A 43 21.54 -0.36 -10.31
CA THR A 43 21.64 0.75 -9.34
C THR A 43 20.62 0.69 -8.21
N GLY A 44 19.43 0.20 -8.50
CA GLY A 44 18.25 0.54 -7.72
C GLY A 44 17.83 1.99 -7.94
N GLY A 45 17.04 2.54 -7.03
CA GLY A 45 16.72 3.96 -7.05
C GLY A 45 16.14 4.44 -5.74
N PHE A 46 16.18 5.77 -5.56
CA PHE A 46 15.59 6.44 -4.40
C PHE A 46 14.27 7.17 -4.74
N ASN A 47 13.36 7.18 -3.76
CA ASN A 47 12.14 8.02 -3.79
C ASN A 47 12.17 8.97 -2.60
N PRO A 48 12.25 10.29 -2.81
CA PRO A 48 12.17 10.96 -4.13
C PRO A 48 13.44 10.99 -4.99
N GLY A 49 14.60 10.72 -4.39
CA GLY A 49 15.86 10.80 -5.11
C GLY A 49 16.41 12.22 -5.15
N PRO A 50 17.48 12.46 -5.89
CA PRO A 50 18.24 11.43 -6.64
C PRO A 50 19.04 10.43 -5.78
N PHE A 51 19.51 10.87 -4.61
CA PHE A 51 20.34 10.06 -3.69
C PHE A 51 19.85 10.03 -2.23
N ASP A 52 18.62 10.45 -1.98
CA ASP A 52 18.04 10.47 -0.62
C ASP A 52 16.55 10.19 -0.76
N GLY A 53 15.95 9.59 0.25
CA GLY A 53 14.49 9.50 0.29
C GLY A 53 13.88 8.59 1.33
N SER A 54 12.57 8.41 1.24
CA SER A 54 11.87 7.56 2.20
C SER A 54 11.86 6.10 1.76
N GLN A 55 12.37 5.82 0.56
CA GLN A 55 12.52 4.45 0.03
C GLN A 55 13.79 4.30 -0.80
N TYR A 56 14.49 3.18 -0.64
CA TYR A 56 15.41 2.70 -1.66
C TYR A 56 14.89 1.37 -2.13
N ALA A 57 14.80 1.18 -3.44
CA ALA A 57 14.25 -0.05 -4.03
C ALA A 57 15.18 -0.65 -5.07
N LEU A 58 15.21 -1.96 -5.14
CA LEU A 58 16.08 -2.69 -6.06
C LEU A 58 15.42 -3.97 -6.49
N LYS A 59 15.51 -4.27 -7.78
CA LYS A 59 15.08 -5.57 -8.29
C LYS A 59 16.29 -6.42 -8.64
N SER A 60 16.04 -7.73 -8.62
CA SER A 60 17.02 -8.72 -8.97
C SER A 60 17.39 -8.64 -10.47
N THR A 61 18.63 -9.00 -10.78
CA THR A 61 19.06 -9.15 -12.17
C THR A 61 18.45 -10.43 -12.73
N ALA A 62 18.54 -11.49 -11.94
CA ALA A 62 18.20 -12.86 -12.35
C ALA A 62 16.70 -13.24 -12.37
N SER A 63 15.96 -12.68 -11.41
CA SER A 63 14.58 -13.09 -11.12
C SER A 63 13.64 -11.89 -11.08
N ASP A 64 12.38 -12.12 -10.73
CA ASP A 64 11.45 -11.03 -10.45
C ASP A 64 11.52 -10.51 -9.00
N ALA A 65 12.41 -11.09 -8.18
CA ALA A 65 12.57 -10.66 -6.80
C ALA A 65 12.96 -9.18 -6.69
N ALA A 66 12.48 -8.53 -5.65
CA ALA A 66 12.81 -7.14 -5.38
C ALA A 66 12.66 -6.84 -3.90
N PHE A 67 13.31 -5.79 -3.44
CA PHE A 67 13.08 -5.32 -2.08
C PHE A 67 12.88 -3.81 -2.03
N ILE A 68 12.17 -3.36 -1.01
CA ILE A 68 12.04 -1.95 -0.67
C ILE A 68 12.49 -1.72 0.77
N ALA A 69 13.54 -0.91 0.91
CA ALA A 69 14.00 -0.41 2.19
C ALA A 69 13.26 0.88 2.47
N GLY A 70 12.53 0.95 3.58
CA GLY A 70 11.82 2.16 3.98
C GLY A 70 12.50 2.84 5.15
N GLY A 71 12.43 4.17 5.17
CA GLY A 71 12.94 4.95 6.32
C GLY A 71 13.16 6.43 6.05
N ASP A 72 14.34 6.92 6.43
CA ASP A 72 14.82 8.26 6.10
C ASP A 72 16.27 8.06 5.70
N LEU A 73 16.47 7.77 4.42
CA LEU A 73 17.72 7.19 3.93
C LEU A 73 18.50 8.16 3.08
N HIS A 74 19.82 8.02 3.15
CA HIS A 74 20.76 8.90 2.44
C HIS A 74 21.87 8.08 1.80
N TYR A 75 22.40 8.58 0.71
CA TYR A 75 23.46 7.90 -0.03
C TYR A 75 24.53 8.89 -0.47
N THR A 76 25.76 8.65 -0.04
CA THR A 76 26.88 9.57 -0.30
C THR A 76 27.37 9.60 -1.74
N LEU A 77 27.06 8.57 -2.52
CA LEU A 77 27.58 8.41 -3.89
C LEU A 77 29.13 8.47 -3.93
N PHE A 78 29.69 9.55 -4.51
CA PHE A 78 31.14 9.70 -4.63
C PHE A 78 31.75 10.55 -3.51
N SER A 79 30.92 11.13 -2.65
CA SER A 79 31.40 11.96 -1.55
C SER A 79 31.85 11.07 -0.35
N ASN A 80 32.95 11.44 0.30
CA ASN A 80 33.47 10.74 1.50
C ASN A 80 32.44 10.64 2.64
N PRO A 81 32.35 9.51 3.33
CA PRO A 81 32.90 8.24 2.91
C PRO A 81 32.02 7.70 1.78
N SER A 82 32.66 7.31 0.69
CA SER A 82 31.98 7.05 -0.57
C SER A 82 31.12 5.80 -0.51
N HIS A 83 29.98 5.86 -1.20
CA HIS A 83 29.10 4.74 -1.42
C HIS A 83 28.65 4.15 -0.11
N THR A 84 28.04 5.02 0.68
CA THR A 84 27.52 4.68 1.99
C THR A 84 26.04 5.01 2.08
N LEU A 85 25.22 4.00 2.29
CA LEU A 85 23.83 4.20 2.72
C LEU A 85 23.82 4.44 4.22
N TRP A 86 23.28 5.59 4.64
CA TRP A 86 23.08 5.89 6.05
C TRP A 86 21.70 6.47 6.27
N GLY A 87 21.33 6.61 7.55
CA GLY A 87 20.08 7.23 7.96
C GLY A 87 19.26 6.30 8.82
N LYS A 88 17.95 6.53 8.86
CA LYS A 88 17.05 5.66 9.62
C LYS A 88 16.48 4.60 8.69
N LEU A 89 16.67 3.33 9.03
CA LEU A 89 15.97 2.21 8.38
C LEU A 89 14.79 1.73 9.24
N ASP A 90 13.57 2.04 8.85
CA ASP A 90 12.39 1.59 9.57
C ASP A 90 11.91 0.22 9.10
N SER A 91 12.07 -0.09 7.80
CA SER A 91 11.45 -1.31 7.26
C SER A 91 12.15 -1.95 6.06
N ILE A 92 11.93 -3.25 5.90
CA ILE A 92 12.41 -4.02 4.75
C ILE A 92 11.26 -4.88 4.24
N ALA A 93 10.86 -4.65 3.00
CA ALA A 93 9.81 -5.45 2.37
C ALA A 93 10.46 -6.33 1.32
N LEU A 94 10.13 -7.62 1.35
CA LEU A 94 10.63 -8.61 0.38
C LEU A 94 9.45 -9.21 -0.39
N GLY A 95 9.65 -9.44 -1.68
CA GLY A 95 8.58 -9.95 -2.52
C GLY A 95 8.97 -9.96 -4.00
N ASP A 96 7.94 -9.85 -4.85
CA ASP A 96 8.12 -9.96 -6.30
C ASP A 96 7.56 -8.75 -7.01
N THR A 97 8.24 -8.34 -8.08
CA THR A 97 7.69 -7.45 -9.12
C THR A 97 7.61 -6.00 -8.62
N LEU A 98 8.75 -5.34 -8.64
CA LEU A 98 8.82 -3.95 -8.28
C LEU A 98 8.09 -3.13 -9.35
N THR A 99 7.23 -2.21 -8.89
CA THR A 99 6.63 -1.20 -9.77
C THR A 99 6.94 0.20 -9.25
N GLY A 100 6.66 1.18 -10.08
CA GLY A 100 6.73 2.57 -9.69
C GLY A 100 8.13 3.13 -9.62
N GLY A 101 8.29 4.17 -8.81
CA GLY A 101 9.51 4.96 -8.72
C GLY A 101 9.20 6.39 -8.32
N ALA A 102 10.21 7.25 -8.44
CA ALA A 102 10.10 8.67 -8.07
C ALA A 102 9.00 9.38 -8.83
N SER A 103 8.98 9.22 -10.15
CA SER A 103 8.06 9.94 -11.04
C SER A 103 6.56 9.59 -10.86
N SER A 104 6.27 8.35 -10.47
CA SER A 104 4.87 7.93 -10.16
C SER A 104 4.46 8.08 -8.67
N GLY A 105 5.31 8.66 -7.83
CA GLY A 105 4.96 8.91 -6.42
C GLY A 105 5.33 7.85 -5.40
N GLY A 106 6.07 6.81 -5.80
CA GLY A 106 6.58 5.81 -4.86
C GLY A 106 6.80 4.44 -5.47
N TYR A 107 7.68 3.67 -4.85
CA TYR A 107 7.91 2.27 -5.23
C TYR A 107 6.89 1.37 -4.53
N ALA A 108 6.51 0.30 -5.23
CA ALA A 108 5.63 -0.73 -4.66
C ALA A 108 5.98 -2.11 -5.17
N LEU A 109 5.67 -3.12 -4.36
CA LEU A 109 5.69 -4.51 -4.77
C LEU A 109 4.26 -4.91 -5.16
N ASP A 110 4.09 -5.61 -6.29
CA ASP A 110 2.79 -6.22 -6.61
C ASP A 110 2.48 -7.35 -5.61
N SER A 111 3.44 -8.26 -5.45
CA SER A 111 3.34 -9.41 -4.55
C SER A 111 4.35 -9.38 -3.39
N GLN A 112 3.96 -8.76 -2.27
CA GLN A 112 4.76 -8.81 -1.06
C GLN A 112 4.69 -10.22 -0.44
N GLU A 113 5.85 -10.75 -0.05
CA GLU A 113 5.92 -12.02 0.69
C GLU A 113 5.99 -11.76 2.19
N VAL A 114 7.07 -11.09 2.59
CA VAL A 114 7.38 -10.80 3.98
C VAL A 114 7.85 -9.34 4.13
N SER A 115 7.45 -8.70 5.24
CA SER A 115 7.97 -7.38 5.61
C SER A 115 8.35 -7.29 7.10
N PHE A 116 9.45 -6.61 7.37
CA PHE A 116 9.91 -6.31 8.73
C PHE A 116 9.81 -4.80 8.94
N SER A 117 9.04 -4.35 9.93
CA SER A 117 8.82 -2.91 10.22
C SER A 117 9.16 -2.55 11.66
N ASN A 118 9.23 -1.23 11.92
CA ASN A 118 9.71 -0.66 13.20
C ASN A 118 11.05 -1.24 13.62
N LEU A 119 11.99 -1.31 12.68
CA LEU A 119 13.32 -1.81 12.93
C LEU A 119 14.19 -0.90 13.79
N GLY A 120 13.86 0.38 13.80
CA GLY A 120 14.55 1.34 14.69
C GLY A 120 16.03 1.53 14.48
N LEU A 121 16.53 1.13 13.32
CA LEU A 121 17.96 1.23 13.01
C LEU A 121 18.31 2.64 12.56
N ASP A 122 19.53 3.06 12.88
CA ASP A 122 19.93 4.46 12.72
C ASP A 122 21.44 4.60 12.74
N SER A 123 22.01 4.85 11.56
CA SER A 123 23.44 4.94 11.39
C SER A 123 23.87 6.33 10.92
N PRO A 124 24.93 6.89 11.55
CA PRO A 124 25.43 8.19 11.11
C PRO A 124 26.35 8.07 9.90
N ILE A 125 26.42 9.14 9.11
CA ILE A 125 27.24 9.18 7.89
C ILE A 125 28.68 8.81 8.16
N ALA A 126 29.23 9.31 9.26
CA ALA A 126 30.66 9.18 9.54
C ALA A 126 31.10 7.74 9.81
N GLN A 127 30.16 6.86 10.15
CA GLN A 127 30.46 5.43 10.29
C GLN A 127 30.78 4.73 8.94
N GLY A 128 30.47 5.39 7.82
CA GLY A 128 30.79 4.88 6.49
C GLY A 128 30.10 3.57 6.19
N ARG A 129 30.79 2.72 5.43
CA ARG A 129 30.31 1.38 5.09
C ARG A 129 30.25 0.41 6.27
N ASP A 130 30.83 0.76 7.41
CA ASP A 130 30.66 -0.03 8.67
C ASP A 130 29.34 0.19 9.41
N GLY A 131 28.57 1.20 9.02
CA GLY A 131 27.24 1.39 9.58
C GLY A 131 26.32 0.17 9.39
N THR A 132 25.47 -0.05 10.38
CA THR A 132 24.54 -1.18 10.40
C THR A 132 23.55 -1.11 9.22
N VAL A 133 23.03 0.10 8.96
CA VAL A 133 22.08 0.34 7.87
C VAL A 133 22.70 0.02 6.51
N HIS A 134 23.95 0.43 6.31
CA HIS A 134 24.64 0.11 5.07
C HIS A 134 24.78 -1.41 4.91
N LYS A 135 25.34 -2.07 5.93
CA LYS A 135 25.58 -3.53 5.88
C LYS A 135 24.31 -4.37 5.66
N VAL A 136 23.23 -3.99 6.33
CA VAL A 136 21.92 -4.65 6.19
C VAL A 136 21.45 -4.57 4.72
N VAL A 137 21.32 -3.34 4.21
CA VAL A 137 20.80 -3.17 2.86
C VAL A 137 21.79 -3.64 1.78
N TYR A 138 23.07 -3.30 1.90
CA TYR A 138 24.05 -3.77 0.92
C TYR A 138 24.17 -5.31 0.87
N GLY A 139 23.99 -5.98 2.00
CA GLY A 139 23.96 -7.43 2.03
C GLY A 139 22.85 -8.00 1.15
N LEU A 140 21.66 -7.42 1.23
CA LEU A 140 20.56 -7.85 0.39
C LEU A 140 20.87 -7.65 -1.10
N MET A 141 21.55 -6.56 -1.43
CA MET A 141 22.00 -6.37 -2.81
C MET A 141 22.94 -7.48 -3.27
N SER A 142 23.77 -7.98 -2.36
CA SER A 142 24.86 -8.93 -2.66
C SER A 142 24.50 -10.41 -2.52
N GLY A 143 23.24 -10.70 -2.27
CA GLY A 143 22.81 -12.07 -1.94
C GLY A 143 23.36 -12.58 -0.61
N ASP A 144 23.32 -11.74 0.43
CA ASP A 144 23.69 -12.15 1.79
C ASP A 144 22.79 -11.44 2.81
N SER A 145 21.84 -12.18 3.39
CA SER A 145 20.93 -11.64 4.41
C SER A 145 21.45 -11.61 5.88
N SER A 146 22.74 -11.88 6.13
CA SER A 146 23.30 -12.06 7.50
C SER A 146 23.04 -10.89 8.43
N ALA A 147 23.53 -9.72 8.04
CA ALA A 147 23.40 -8.50 8.83
C ALA A 147 21.94 -8.24 9.21
N LEU A 148 21.04 -8.33 8.21
CA LEU A 148 19.59 -8.23 8.46
C LEU A 148 19.11 -9.29 9.45
N GLN A 149 19.58 -10.53 9.30
CA GLN A 149 19.18 -11.62 10.20
C GLN A 149 19.51 -11.30 11.65
N GLY A 150 20.77 -10.91 11.86
CA GLY A 150 21.28 -10.54 13.18
C GLY A 150 20.47 -9.45 13.84
N GLN A 151 20.18 -8.41 13.09
CA GLN A 151 19.35 -7.31 13.58
C GLN A 151 17.92 -7.73 13.89
N ILE A 152 17.32 -8.58 13.06
CA ILE A 152 15.97 -9.08 13.33
C ILE A 152 15.96 -9.93 14.62
N ASP A 153 16.97 -10.79 14.73
CA ASP A 153 17.18 -11.64 15.92
C ASP A 153 17.21 -10.83 17.21
N ALA A 154 18.05 -9.80 17.24
CA ALA A 154 18.21 -8.94 18.43
C ALA A 154 16.91 -8.27 18.84
N LEU A 155 16.21 -7.72 17.85
CA LEU A 155 14.92 -7.07 18.10
C LEU A 155 13.90 -8.04 18.68
N LEU A 156 13.90 -9.28 18.17
CA LEU A 156 12.95 -10.29 18.62
C LEU A 156 13.21 -10.72 20.06
N LYS A 157 14.49 -11.00 20.34
CA LYS A 157 14.96 -11.28 21.70
C LYS A 157 14.44 -10.27 22.72
N ALA A 158 14.60 -8.99 22.43
CA ALA A 158 14.14 -7.90 23.30
C ALA A 158 12.63 -7.87 23.59
N VAL A 159 11.82 -8.39 22.69
CA VAL A 159 10.36 -8.50 22.92
C VAL A 159 10.04 -9.66 23.89
N ASP A 160 10.74 -10.76 23.73
CA ASP A 160 10.52 -11.99 24.49
C ASP A 160 11.70 -12.90 24.13
N PRO A 161 12.49 -13.35 25.13
CA PRO A 161 13.74 -14.08 24.84
C PRO A 161 13.58 -15.49 24.26
N SER A 162 12.36 -16.04 24.31
CA SER A 162 11.99 -17.27 23.56
C SER A 162 11.86 -17.09 22.02
N LEU A 163 11.84 -15.85 21.55
CA LEU A 163 11.74 -15.52 20.14
C LEU A 163 13.15 -15.32 19.57
N SER A 164 13.34 -15.79 18.34
CA SER A 164 14.58 -15.61 17.60
C SER A 164 14.35 -15.63 16.07
N ILE A 165 15.42 -15.43 15.31
CA ILE A 165 15.42 -15.63 13.86
C ILE A 165 15.02 -17.06 13.48
N ASN A 166 15.27 -18.01 14.37
CA ASN A 166 14.88 -19.42 14.16
C ASN A 166 13.43 -19.78 14.59
N SER A 167 12.62 -18.77 14.93
CA SER A 167 11.21 -18.98 15.23
C SER A 167 10.36 -19.05 13.94
N THR A 168 9.23 -19.74 14.01
CA THR A 168 8.28 -19.75 12.91
C THR A 168 7.47 -18.44 12.88
N PHE A 169 7.03 -18.07 11.68
CA PHE A 169 6.17 -16.89 11.54
C PHE A 169 4.87 -17.05 12.36
N ASP A 170 4.28 -18.25 12.34
CA ASP A 170 3.12 -18.61 13.21
C ASP A 170 3.41 -18.40 14.69
N GLN A 171 4.56 -18.91 15.15
CA GLN A 171 5.04 -18.68 16.52
C GLN A 171 5.15 -17.16 16.80
N LEU A 172 5.78 -16.43 15.89
CA LEU A 172 5.88 -14.96 16.05
C LEU A 172 4.51 -14.24 16.13
N ALA A 173 3.51 -14.75 15.42
CA ALA A 173 2.13 -14.23 15.50
C ALA A 173 1.50 -14.46 16.89
N ALA A 174 1.74 -15.65 17.44
CA ALA A 174 1.29 -16.04 18.79
C ALA A 174 1.88 -15.13 19.86
N ALA A 175 3.10 -14.64 19.65
CA ALA A 175 3.76 -13.69 20.57
C ALA A 175 3.41 -12.19 20.38
N GLY A 176 2.49 -11.86 19.48
CA GLY A 176 2.05 -10.46 19.21
C GLY A 176 2.82 -9.66 18.16
N VAL A 177 3.85 -10.27 17.57
CA VAL A 177 4.85 -9.60 16.73
C VAL A 177 4.52 -9.66 15.22
N ALA A 178 3.85 -10.74 14.77
CA ALA A 178 3.60 -10.96 13.34
C ALA A 178 2.13 -11.22 13.02
N HIS A 179 1.78 -11.05 11.75
CA HIS A 179 0.39 -11.25 11.25
C HIS A 179 0.44 -11.84 9.84
N ALA A 180 -0.33 -12.89 9.60
CA ALA A 180 -0.41 -13.50 8.27
C ALA A 180 -1.28 -12.67 7.32
N THR A 181 -1.03 -12.75 6.01
CA THR A 181 -1.90 -12.09 5.01
C THR A 181 -3.21 -12.89 4.83
N PRO A 182 -4.38 -12.31 5.19
CA PRO A 182 -5.64 -13.06 5.03
C PRO A 182 -6.00 -13.37 3.58
N MET B 1 -9.58 13.06 -19.75
CA MET B 1 -10.96 12.48 -19.53
C MET B 1 -11.55 13.10 -18.27
N SER B 2 -12.60 13.93 -18.40
CA SER B 2 -13.21 14.52 -17.20
C SER B 2 -14.11 13.53 -16.48
N ILE B 3 -14.39 13.84 -15.21
CA ILE B 3 -15.25 13.03 -14.35
C ILE B 3 -16.50 12.54 -15.06
N SER B 4 -16.83 11.26 -14.86
CA SER B 4 -18.04 10.64 -15.39
C SER B 4 -18.77 9.92 -14.27
N ILE B 5 -20.10 10.06 -14.26
CA ILE B 5 -20.94 9.53 -13.22
C ILE B 5 -21.96 8.61 -13.88
N SER B 6 -22.21 7.48 -13.24
CA SER B 6 -23.22 6.54 -13.68
C SER B 6 -24.16 6.32 -12.50
N TYR B 7 -25.47 6.49 -12.71
CA TYR B 7 -26.45 6.40 -11.63
C TYR B 7 -27.67 5.62 -12.06
N SER B 8 -28.15 4.73 -11.20
CA SER B 8 -29.49 4.17 -11.35
C SER B 8 -30.56 5.27 -11.36
N THR B 9 -31.56 5.12 -12.24
CA THR B 9 -32.69 6.07 -12.33
C THR B 9 -33.46 6.27 -11.02
N THR B 10 -33.46 5.28 -10.14
CA THR B 10 -33.99 5.44 -8.77
C THR B 10 -33.51 6.74 -8.07
N TYR B 11 -32.28 7.18 -8.36
CA TYR B 11 -31.66 8.34 -7.70
C TYR B 11 -31.66 9.62 -8.53
N SER B 12 -32.32 9.57 -9.70
CA SER B 12 -32.51 10.70 -10.63
C SER B 12 -32.63 12.06 -9.99
N GLY B 13 -33.57 12.15 -9.04
CA GLY B 13 -33.95 13.42 -8.43
C GLY B 13 -33.24 13.79 -7.15
N TRP B 14 -32.29 12.97 -6.68
CA TRP B 14 -31.58 13.28 -5.44
C TRP B 14 -30.25 13.95 -5.76
N THR B 15 -29.75 14.69 -4.77
CA THR B 15 -28.43 15.29 -4.85
C THR B 15 -27.37 14.22 -4.58
N VAL B 16 -26.16 14.47 -5.04
CA VAL B 16 -25.05 13.57 -4.78
C VAL B 16 -24.78 13.56 -3.27
N ALA B 17 -24.84 14.75 -2.65
CA ALA B 17 -24.65 14.86 -1.20
C ALA B 17 -25.63 13.98 -0.45
N ASP B 18 -26.91 14.09 -0.76
CA ASP B 18 -27.90 13.25 -0.10
C ASP B 18 -27.72 11.76 -0.39
N TYR B 19 -27.41 11.38 -1.63
CA TYR B 19 -27.22 9.95 -1.92
C TYR B 19 -26.07 9.36 -1.08
N LEU B 20 -24.97 10.09 -0.99
CA LEU B 20 -23.77 9.62 -0.30
C LEU B 20 -23.93 9.58 1.22
N ALA B 21 -24.71 10.50 1.79
CA ALA B 21 -25.06 10.47 3.21
C ALA B 21 -25.97 9.26 3.54
N ASP B 22 -27.00 9.05 2.72
CA ASP B 22 -27.90 7.89 2.82
C ASP B 22 -27.17 6.55 2.64
N TRP B 23 -26.30 6.47 1.64
CA TRP B 23 -25.51 5.25 1.43
C TRP B 23 -24.54 5.01 2.59
N SER B 24 -23.89 6.08 3.04
CA SER B 24 -22.86 6.00 4.06
C SER B 24 -23.38 5.64 5.45
N ALA B 25 -24.61 6.07 5.75
CA ALA B 25 -25.28 5.70 7.00
C ALA B 25 -25.70 4.23 6.96
N TYR B 26 -26.33 3.85 5.85
CA TYR B 26 -26.68 2.46 5.56
C TYR B 26 -25.49 1.48 5.64
N PHE B 27 -24.31 1.91 5.20
CA PHE B 27 -23.08 1.08 5.20
C PHE B 27 -22.50 0.97 6.62
N GLY B 28 -22.57 2.07 7.37
CA GLY B 28 -22.10 2.12 8.75
C GLY B 28 -20.59 2.23 8.88
N ASP B 29 -20.09 1.86 10.07
CA ASP B 29 -18.66 1.84 10.38
C ASP B 29 -18.25 0.39 10.63
N VAL B 30 -17.30 -0.12 9.84
CA VAL B 30 -16.77 -1.49 10.02
C VAL B 30 -15.70 -1.63 11.11
N ASN B 31 -15.29 -0.52 11.73
CA ASN B 31 -14.36 -0.53 12.87
C ASN B 31 -12.93 -0.92 12.45
N HIS B 32 -12.43 -0.26 11.42
CA HIS B 32 -11.07 -0.53 10.93
C HIS B 32 -10.09 0.46 11.58
N ARG B 33 -9.91 0.28 12.88
CA ARG B 33 -9.16 1.21 13.74
C ARG B 33 -8.08 0.38 14.47
N PRO B 34 -7.11 1.05 15.14
CA PRO B 34 -6.05 0.28 15.84
C PRO B 34 -6.57 -0.63 16.97
N GLY B 35 -6.10 -1.88 16.97
CA GLY B 35 -6.55 -2.91 17.89
C GLY B 35 -7.66 -3.82 17.36
N GLN B 36 -8.52 -3.28 16.48
CA GLN B 36 -9.79 -3.90 16.07
C GLN B 36 -9.78 -4.65 14.71
N VAL B 37 -8.59 -5.04 14.24
CA VAL B 37 -8.41 -5.78 12.97
C VAL B 37 -7.60 -7.06 13.24
N VAL B 38 -8.30 -8.13 13.60
CA VAL B 38 -7.67 -9.42 14.00
C VAL B 38 -8.17 -10.61 13.12
N ASP B 39 -8.59 -10.30 11.89
CA ASP B 39 -9.52 -11.17 11.15
C ASP B 39 -9.56 -10.93 9.64
N GLY B 40 -10.38 -11.74 8.96
CA GLY B 40 -10.88 -11.45 7.61
C GLY B 40 -12.35 -11.05 7.68
N SER B 41 -12.64 -10.12 8.59
CA SER B 41 -14.02 -9.66 8.88
C SER B 41 -14.27 -8.24 8.32
N ASN B 42 -13.37 -7.32 8.66
CA ASN B 42 -13.43 -5.91 8.25
C ASN B 42 -12.11 -5.39 7.61
N THR B 43 -11.37 -6.27 6.95
CA THR B 43 -10.15 -5.86 6.22
C THR B 43 -10.46 -5.41 4.79
N GLY B 44 -11.43 -6.09 4.17
CA GLY B 44 -11.65 -6.00 2.74
C GLY B 44 -10.49 -6.69 2.05
N GLY B 45 -10.42 -6.50 0.72
CA GLY B 45 -9.34 -7.09 -0.06
C GLY B 45 -8.92 -6.33 -1.30
N PHE B 46 -7.76 -6.69 -1.80
CA PHE B 46 -7.17 -6.14 -3.02
C PHE B 46 -7.16 -7.20 -4.10
N ASN B 47 -7.50 -6.81 -5.34
CA ASN B 47 -7.32 -7.63 -6.51
C ASN B 47 -6.21 -6.98 -7.34
N PRO B 48 -5.11 -7.67 -7.71
CA PRO B 48 -4.82 -9.07 -7.34
C PRO B 48 -4.47 -9.28 -5.88
N GLY B 49 -3.99 -8.24 -5.22
CA GLY B 49 -3.65 -8.33 -3.81
C GLY B 49 -2.28 -8.94 -3.61
N PRO B 50 -1.87 -9.19 -2.36
CA PRO B 50 -2.69 -8.95 -1.14
C PRO B 50 -2.79 -7.49 -0.66
N PHE B 51 -1.82 -6.65 -0.98
CA PHE B 51 -1.77 -5.27 -0.49
C PHE B 51 -1.57 -4.25 -1.61
N ASP B 52 -2.05 -4.58 -2.80
CA ASP B 52 -1.67 -3.87 -4.00
C ASP B 52 -2.60 -4.32 -5.10
N GLY B 53 -2.93 -3.44 -6.05
CA GLY B 53 -3.66 -3.82 -7.25
C GLY B 53 -4.58 -2.79 -7.89
N SER B 54 -5.36 -3.28 -8.85
CA SER B 54 -6.33 -2.46 -9.60
C SER B 54 -7.63 -2.13 -8.84
N GLN B 55 -7.96 -2.91 -7.81
CA GLN B 55 -9.18 -2.70 -7.02
C GLN B 55 -8.96 -2.95 -5.55
N TYR B 56 -9.67 -2.20 -4.72
CA TYR B 56 -9.86 -2.53 -3.32
C TYR B 56 -11.34 -2.52 -3.06
N ALA B 57 -11.82 -3.56 -2.38
CA ALA B 57 -13.24 -3.72 -2.14
C ALA B 57 -13.48 -4.09 -0.68
N LEU B 58 -14.60 -3.60 -0.15
CA LEU B 58 -15.00 -3.85 1.23
C LEU B 58 -16.51 -3.95 1.38
N LYS B 59 -16.93 -4.98 2.12
CA LYS B 59 -18.33 -5.23 2.45
C LYS B 59 -18.67 -4.59 3.79
N SER B 60 -19.90 -4.16 3.94
CA SER B 60 -20.39 -3.69 5.21
C SER B 60 -20.48 -4.84 6.21
N THR B 61 -20.27 -4.50 7.47
CA THR B 61 -20.49 -5.37 8.61
C THR B 61 -21.99 -5.38 8.92
N ALA B 62 -22.63 -4.22 8.85
CA ALA B 62 -24.01 -3.99 9.30
C ALA B 62 -25.12 -4.13 8.25
N SER B 63 -24.77 -4.37 6.99
CA SER B 63 -25.77 -4.49 5.90
C SER B 63 -25.14 -5.13 4.66
N ASP B 64 -25.90 -5.22 3.58
CA ASP B 64 -25.39 -5.73 2.28
C ASP B 64 -24.59 -4.69 1.45
N ALA B 65 -24.47 -3.45 1.95
CA ALA B 65 -23.73 -2.40 1.23
C ALA B 65 -22.24 -2.71 1.06
N ALA B 66 -21.69 -2.29 -0.06
CA ALA B 66 -20.27 -2.41 -0.32
C ALA B 66 -19.80 -1.35 -1.32
N PHE B 67 -18.49 -1.25 -1.47
CA PHE B 67 -17.90 -0.39 -2.48
C PHE B 67 -16.66 -1.00 -3.07
N ILE B 68 -16.31 -0.57 -4.27
CA ILE B 68 -15.09 -0.97 -4.94
C ILE B 68 -14.35 0.31 -5.33
N ALA B 69 -13.14 0.45 -4.81
CA ALA B 69 -12.21 1.50 -5.21
C ALA B 69 -11.36 0.96 -6.34
N GLY B 70 -11.24 1.70 -7.44
CA GLY B 70 -10.49 1.26 -8.61
C GLY B 70 -9.35 2.19 -9.03
N GLY B 71 -8.31 1.61 -9.61
CA GLY B 71 -7.20 2.38 -10.15
C GLY B 71 -5.91 1.60 -10.18
N ASP B 72 -4.92 2.14 -9.49
CA ASP B 72 -3.60 1.53 -9.33
C ASP B 72 -3.23 1.85 -7.91
N LEU B 73 -3.69 1.00 -7.01
CA LEU B 73 -3.68 1.26 -5.58
C LEU B 73 -2.61 0.44 -4.85
N HIS B 74 -2.06 1.02 -3.80
CA HIS B 74 -1.04 0.36 -2.98
C HIS B 74 -1.31 0.67 -1.52
N TYR B 75 -1.06 -0.32 -0.66
CA TYR B 75 -1.28 -0.21 0.78
C TYR B 75 -0.02 -0.66 1.56
N THR B 76 0.38 0.18 2.53
CA THR B 76 1.66 0.05 3.23
C THR B 76 1.64 -0.95 4.37
N LEU B 77 0.45 -1.19 4.92
CA LEU B 77 0.27 -2.06 6.11
C LEU B 77 1.12 -1.58 7.27
N PHE B 78 2.24 -2.26 7.57
CA PHE B 78 3.07 -1.92 8.73
C PHE B 78 4.28 -1.04 8.43
N SER B 79 4.82 -1.10 7.21
CA SER B 79 5.92 -0.17 6.82
C SER B 79 5.46 1.30 6.80
N ASN B 80 6.33 2.21 7.22
CA ASN B 80 5.95 3.63 7.38
C ASN B 80 5.93 4.26 5.94
N PRO B 81 5.05 5.24 5.68
CA PRO B 81 3.95 5.63 6.56
C PRO B 81 2.93 4.50 6.65
N SER B 82 2.73 3.99 7.86
CA SER B 82 2.00 2.77 8.09
C SER B 82 0.53 3.03 7.83
N HIS B 83 -0.14 2.00 7.32
CA HIS B 83 -1.59 2.00 7.12
C HIS B 83 -2.08 3.14 6.22
N THR B 84 -1.44 3.22 5.07
CA THR B 84 -1.63 4.28 4.10
C THR B 84 -1.98 3.60 2.80
N LEU B 85 -3.17 3.89 2.28
CA LEU B 85 -3.51 3.59 0.91
C LEU B 85 -3.10 4.80 0.08
N TRP B 86 -2.33 4.54 -0.97
CA TRP B 86 -1.85 5.57 -1.86
C TRP B 86 -1.84 4.99 -3.26
N GLY B 87 -1.56 5.85 -4.22
CA GLY B 87 -1.52 5.48 -5.64
C GLY B 87 -2.54 6.27 -6.42
N LYS B 88 -2.99 5.70 -7.54
CA LYS B 88 -4.01 6.31 -8.37
C LYS B 88 -5.38 5.81 -7.98
N LEU B 89 -6.32 6.73 -7.83
CA LEU B 89 -7.71 6.38 -7.60
C LEU B 89 -8.51 6.94 -8.75
N ASP B 90 -8.97 6.04 -9.63
CA ASP B 90 -9.76 6.44 -10.81
C ASP B 90 -11.25 6.36 -10.55
N SER B 91 -11.69 5.43 -9.69
CA SER B 91 -13.11 5.17 -9.51
C SER B 91 -13.56 4.75 -8.10
N ILE B 92 -14.82 5.05 -7.81
CA ILE B 92 -15.53 4.59 -6.62
C ILE B 92 -16.91 4.13 -7.11
N ALA B 93 -17.23 2.86 -6.91
CA ALA B 93 -18.54 2.32 -7.25
C ALA B 93 -19.24 1.93 -5.95
N LEU B 94 -20.49 2.36 -5.81
CA LEU B 94 -21.25 2.16 -4.57
C LEU B 94 -22.45 1.31 -4.88
N GLY B 95 -22.82 0.45 -3.93
CA GLY B 95 -23.98 -0.40 -4.10
C GLY B 95 -24.15 -1.48 -3.06
N ASP B 96 -24.84 -2.56 -3.49
CA ASP B 96 -25.17 -3.73 -2.66
C ASP B 96 -24.50 -4.97 -3.22
N THR B 97 -24.04 -5.81 -2.30
CA THR B 97 -23.76 -7.22 -2.53
C THR B 97 -22.51 -7.36 -3.39
N LEU B 98 -21.39 -7.42 -2.68
CA LEU B 98 -20.09 -7.58 -3.29
C LEU B 98 -19.97 -9.03 -3.78
N THR B 99 -19.38 -9.21 -4.96
CA THR B 99 -19.11 -10.53 -5.49
C THR B 99 -17.69 -10.57 -6.04
N GLY B 100 -17.23 -11.78 -6.35
CA GLY B 100 -15.93 -11.96 -6.98
C GLY B 100 -14.76 -11.64 -6.07
N GLY B 101 -13.63 -11.36 -6.70
CA GLY B 101 -12.37 -11.15 -6.00
C GLY B 101 -11.22 -11.43 -6.94
N ALA B 102 -10.08 -11.76 -6.35
CA ALA B 102 -8.83 -11.95 -7.10
C ALA B 102 -8.79 -13.23 -7.94
N SER B 103 -9.34 -14.32 -7.40
CA SER B 103 -9.31 -15.62 -8.09
C SER B 103 -10.33 -15.69 -9.24
N SER B 104 -11.37 -14.86 -9.19
CA SER B 104 -12.21 -14.51 -10.37
C SER B 104 -11.63 -13.29 -11.13
N GLY B 105 -12.33 -12.78 -12.14
CA GLY B 105 -11.85 -11.59 -12.89
C GLY B 105 -11.53 -10.34 -12.05
N GLY B 106 -12.33 -10.12 -11.02
CA GLY B 106 -12.24 -8.95 -10.17
C GLY B 106 -13.46 -8.88 -9.27
N TYR B 107 -13.53 -7.86 -8.43
CA TYR B 107 -14.73 -7.59 -7.65
C TYR B 107 -15.80 -6.95 -8.52
N ALA B 108 -17.04 -7.08 -8.09
CA ALA B 108 -18.16 -6.38 -8.72
C ALA B 108 -19.31 -6.29 -7.73
N LEU B 109 -20.31 -5.50 -8.09
CA LEU B 109 -21.53 -5.39 -7.30
C LEU B 109 -22.70 -6.01 -8.07
N ASP B 110 -23.54 -6.78 -7.37
CA ASP B 110 -24.79 -7.28 -7.96
C ASP B 110 -25.67 -6.10 -8.30
N SER B 111 -25.92 -5.28 -7.28
CA SER B 111 -26.67 -4.04 -7.44
C SER B 111 -25.70 -2.83 -7.36
N GLN B 112 -25.16 -2.42 -8.51
CA GLN B 112 -24.39 -1.16 -8.60
C GLN B 112 -25.37 0.01 -8.66
N GLU B 113 -25.31 0.89 -7.66
CA GLU B 113 -26.23 2.02 -7.54
C GLU B 113 -25.65 3.28 -8.20
N VAL B 114 -24.46 3.68 -7.77
CA VAL B 114 -23.77 4.84 -8.35
C VAL B 114 -22.30 4.53 -8.55
N SER B 115 -21.69 5.09 -9.58
CA SER B 115 -20.23 5.06 -9.71
C SER B 115 -19.66 6.35 -10.27
N PHE B 116 -18.53 6.78 -9.69
CA PHE B 116 -17.78 7.95 -10.14
C PHE B 116 -16.50 7.47 -10.81
N SER B 117 -16.23 7.96 -12.02
CA SER B 117 -15.04 7.56 -12.79
C SER B 117 -14.22 8.76 -13.25
N ASN B 118 -13.01 8.46 -13.71
CA ASN B 118 -12.03 9.43 -14.16
C ASN B 118 -11.78 10.48 -13.08
N LEU B 119 -11.71 10.01 -11.83
CA LEU B 119 -11.51 10.91 -10.70
C LEU B 119 -10.18 11.63 -10.74
N GLY B 120 -9.20 11.03 -11.42
CA GLY B 120 -7.86 11.62 -11.59
C GLY B 120 -7.07 11.82 -10.32
N LEU B 121 -7.43 11.13 -9.24
CA LEU B 121 -6.79 11.33 -7.93
C LEU B 121 -5.49 10.53 -7.88
N ASP B 122 -4.48 11.10 -7.24
CA ASP B 122 -3.11 10.56 -7.25
C ASP B 122 -2.31 11.01 -6.04
N SER B 123 -2.10 10.11 -5.10
CA SER B 123 -1.39 10.47 -3.87
C SER B 123 -0.09 9.64 -3.76
N PRO B 124 1.04 10.32 -3.50
CA PRO B 124 2.29 9.61 -3.31
C PRO B 124 2.35 8.97 -1.93
N ILE B 125 3.18 7.93 -1.81
CA ILE B 125 3.40 7.23 -0.52
C ILE B 125 3.80 8.20 0.60
N ALA B 126 4.70 9.13 0.29
CA ALA B 126 5.28 10.04 1.31
C ALA B 126 4.27 10.91 2.09
N GLN B 127 3.15 11.29 1.46
CA GLN B 127 2.08 12.00 2.16
C GLN B 127 1.37 11.19 3.25
N GLY B 128 1.57 9.87 3.27
CA GLY B 128 0.97 9.01 4.28
C GLY B 128 -0.54 9.15 4.30
N ARG B 129 -1.09 9.10 5.51
CA ARG B 129 -2.52 9.20 5.73
C ARG B 129 -3.14 10.59 5.50
N ASP B 130 -2.31 11.61 5.25
CA ASP B 130 -2.79 12.95 4.83
C ASP B 130 -3.06 13.06 3.31
N GLY B 131 -2.65 12.03 2.56
CA GLY B 131 -2.94 11.94 1.15
C GLY B 131 -4.44 11.86 0.89
N THR B 132 -4.87 12.46 -0.22
CA THR B 132 -6.28 12.57 -0.61
C THR B 132 -6.95 11.20 -0.85
N VAL B 133 -6.23 10.31 -1.54
CA VAL B 133 -6.65 8.93 -1.82
C VAL B 133 -6.93 8.17 -0.52
N HIS B 134 -5.99 8.22 0.43
CA HIS B 134 -6.21 7.53 1.72
C HIS B 134 -7.42 8.06 2.48
N LYS B 135 -7.53 9.38 2.58
CA LYS B 135 -8.65 10.01 3.27
C LYS B 135 -9.99 9.70 2.60
N VAL B 136 -10.03 9.69 1.27
CA VAL B 136 -11.25 9.39 0.52
C VAL B 136 -11.78 7.98 0.81
N VAL B 137 -10.90 7.00 0.66
CA VAL B 137 -11.28 5.59 0.79
C VAL B 137 -11.43 5.18 2.26
N TYR B 138 -10.49 5.56 3.12
CA TYR B 138 -10.57 5.23 4.55
C TYR B 138 -11.84 5.80 5.20
N GLY B 139 -12.21 7.02 4.80
CA GLY B 139 -13.45 7.63 5.21
C GLY B 139 -14.65 6.73 4.98
N LEU B 140 -14.70 6.09 3.81
CA LEU B 140 -15.83 5.20 3.46
C LEU B 140 -15.91 3.96 4.35
N MET B 141 -14.75 3.47 4.79
CA MET B 141 -14.68 2.33 5.70
C MET B 141 -15.27 2.70 7.06
N SER B 142 -15.08 3.96 7.45
CA SER B 142 -15.55 4.54 8.72
C SER B 142 -16.96 5.15 8.65
N GLY B 143 -17.68 4.92 7.55
CA GLY B 143 -18.99 5.55 7.32
C GLY B 143 -18.99 7.05 7.12
N ASP B 144 -17.88 7.62 6.65
CA ASP B 144 -17.74 9.08 6.43
C ASP B 144 -17.31 9.39 4.98
N SER B 145 -18.30 9.72 4.15
CA SER B 145 -18.09 10.11 2.75
C SER B 145 -17.74 11.59 2.53
N SER B 146 -17.55 12.36 3.59
CA SER B 146 -17.26 13.80 3.47
C SER B 146 -16.01 14.12 2.59
N ALA B 147 -14.97 13.30 2.67
CA ALA B 147 -13.75 13.48 1.87
C ALA B 147 -13.96 13.12 0.39
N LEU B 148 -14.71 12.05 0.14
CA LEU B 148 -15.17 11.72 -1.23
C LEU B 148 -15.99 12.87 -1.80
N GLN B 149 -16.95 13.35 -1.01
CA GLN B 149 -17.75 14.53 -1.37
C GLN B 149 -16.91 15.74 -1.70
N GLY B 150 -15.93 16.05 -0.87
CA GLY B 150 -15.01 17.15 -1.13
C GLY B 150 -14.36 17.11 -2.51
N GLN B 151 -13.91 15.92 -2.91
CA GLN B 151 -13.22 15.73 -4.18
C GLN B 151 -14.15 15.74 -5.40
N ILE B 152 -15.33 15.16 -5.25
CA ILE B 152 -16.31 15.18 -6.30
C ILE B 152 -16.74 16.60 -6.58
N ASP B 153 -17.07 17.34 -5.52
CA ASP B 153 -17.37 18.79 -5.61
C ASP B 153 -16.38 19.53 -6.51
N ALA B 154 -15.10 19.40 -6.19
CA ALA B 154 -14.01 20.08 -6.92
C ALA B 154 -13.90 19.67 -8.39
N LEU B 155 -14.09 18.37 -8.64
CA LEU B 155 -14.11 17.89 -10.02
C LEU B 155 -15.29 18.46 -10.80
N LEU B 156 -16.45 18.55 -10.15
CA LEU B 156 -17.63 19.09 -10.79
C LEU B 156 -17.49 20.59 -11.06
N LYS B 157 -17.05 21.36 -10.07
CA LYS B 157 -16.77 22.80 -10.29
C LYS B 157 -15.81 23.04 -11.45
N ALA B 158 -14.73 22.27 -11.52
CA ALA B 158 -13.76 22.36 -12.61
C ALA B 158 -14.33 22.09 -14.00
N VAL B 159 -15.36 21.25 -14.08
CA VAL B 159 -16.08 21.04 -15.34
C VAL B 159 -16.89 22.28 -15.69
N ASP B 160 -17.70 22.73 -14.73
CA ASP B 160 -18.39 24.02 -14.81
C ASP B 160 -18.75 24.54 -13.40
N PRO B 161 -18.44 25.82 -13.10
CA PRO B 161 -18.66 26.37 -11.76
C PRO B 161 -20.05 26.18 -11.16
N SER B 162 -21.08 26.09 -12.01
CA SER B 162 -22.45 25.82 -11.58
C SER B 162 -22.72 24.41 -11.00
N LEU B 163 -21.88 23.43 -11.34
CA LEU B 163 -22.06 22.03 -10.85
C LEU B 163 -21.43 21.82 -9.45
N SER B 164 -22.09 21.02 -8.62
CA SER B 164 -21.63 20.74 -7.24
C SER B 164 -22.15 19.39 -6.76
N ILE B 165 -21.75 18.97 -5.55
CA ILE B 165 -22.41 17.82 -4.89
C ILE B 165 -23.89 18.07 -4.55
N ASN B 166 -24.31 19.32 -4.51
CA ASN B 166 -25.74 19.65 -4.27
C ASN B 166 -26.58 19.70 -5.56
N SER B 167 -25.95 19.46 -6.71
CA SER B 167 -26.69 19.13 -7.93
C SER B 167 -27.37 17.73 -7.83
N THR B 168 -28.53 17.59 -8.47
CA THR B 168 -29.15 16.28 -8.64
C THR B 168 -28.41 15.53 -9.73
N PHE B 169 -28.59 14.21 -9.74
CA PHE B 169 -27.98 13.38 -10.78
C PHE B 169 -28.51 13.76 -12.16
N ASP B 170 -29.81 14.05 -12.25
CA ASP B 170 -30.40 14.63 -13.48
C ASP B 170 -29.73 15.95 -13.95
N GLN B 171 -29.43 16.87 -13.03
CA GLN B 171 -28.76 18.13 -13.41
C GLN B 171 -27.38 17.85 -13.96
N LEU B 172 -26.70 16.90 -13.34
CA LEU B 172 -25.39 16.49 -13.78
C LEU B 172 -25.44 15.81 -15.13
N ALA B 173 -26.49 15.02 -15.36
CA ALA B 173 -26.77 14.45 -16.69
C ALA B 173 -27.10 15.51 -17.77
N ALA B 174 -27.86 16.55 -17.38
CA ALA B 174 -28.15 17.66 -18.29
C ALA B 174 -26.91 18.51 -18.66
N ALA B 175 -25.87 18.45 -17.82
CA ALA B 175 -24.54 19.01 -18.13
C ALA B 175 -23.57 18.00 -18.80
N GLY B 176 -24.05 16.80 -19.12
CA GLY B 176 -23.27 15.77 -19.84
C GLY B 176 -22.22 15.04 -19.02
N VAL B 177 -22.35 15.11 -17.70
CA VAL B 177 -21.39 14.53 -16.77
C VAL B 177 -21.88 13.18 -16.25
N ALA B 178 -23.16 13.07 -15.95
CA ALA B 178 -23.76 11.82 -15.45
C ALA B 178 -24.57 11.12 -16.55
N HIS B 179 -24.81 9.83 -16.36
CA HIS B 179 -25.46 8.95 -17.35
C HIS B 179 -26.33 7.94 -16.61
N ALA B 180 -27.60 7.85 -16.99
CA ALA B 180 -28.55 7.02 -16.28
C ALA B 180 -28.45 5.54 -16.68
N THR B 181 -28.70 4.67 -15.71
CA THR B 181 -28.83 3.22 -15.94
C THR B 181 -30.15 2.73 -15.34
N PRO B 182 -30.75 1.67 -15.93
CA PRO B 182 -31.96 1.07 -15.35
C PRO B 182 -31.87 0.73 -13.84
N ALA B 183 -33.01 0.79 -13.16
CA ALA B 183 -33.11 0.47 -11.74
C ALA B 183 -32.98 -1.04 -11.50
N ALA B 184 -32.63 -1.41 -10.26
CA ALA B 184 -32.51 -2.81 -9.84
C ALA B 184 -33.76 -3.27 -9.10
C24 VPC C . 29.39 -0.71 -1.76
C23 VPC C . 30.70 -1.19 -1.79
C22 VPC C . 31.53 -0.87 -2.87
C21 VPC C . 30.99 -0.08 -3.89
C5 VPC C . 29.72 0.38 -3.80
C6 VPC C . 28.92 0.06 -2.75
C7 VPC C . 27.73 0.60 -2.94
N3 VPC C . 26.55 0.62 -2.16
C4 VPC C . 25.22 1.11 -2.35
N1 VPC C . 24.78 1.86 -3.36
C1 VPC C . 24.14 0.93 -1.57
C25 VPC C . 24.03 0.26 -0.42
C26 VPC C . 22.79 0.21 0.22
C27 VPC C . 21.71 0.88 -0.38
C28 VPC C . 21.90 1.56 -1.58
C2 VPC C . 23.09 1.58 -2.15
C3 VPC C . 23.50 2.16 -3.28
N7 VPC C . 22.78 2.92 -4.24
C16 VPC C . 23.12 3.54 -5.46
N6 VPC C . 24.31 3.47 -6.01
C13 VPC C . 22.43 4.32 -6.28
C29 VPC C . 21.16 4.71 -6.21
C30 VPC C . 20.64 5.53 -7.20
C31 VPC C . 21.45 5.93 -8.24
C32 VPC C . 22.78 5.48 -8.28
C14 VPC C . 23.23 4.70 -7.31
C15 VPC C . 24.45 4.17 -7.12
N8 VPC C . 25.66 4.27 -7.89
C12 VPC C . 27.00 3.71 -7.76
N4 VPC C . 27.41 2.96 -6.75
C9 VPC C . 28.06 3.79 -8.58
C17 VPC C . 28.20 4.42 -9.77
C18 VPC C . 29.41 4.37 -10.47
C19 VPC C . 30.46 3.64 -9.90
C20 VPC C . 30.26 3.01 -8.67
C10 VPC C . 29.08 3.09 -8.03
C11 VPC C . 28.67 2.55 -6.88
N5 VPC C . 29.36 1.73 -5.91
C8 VPC C . 29.01 1.13 -4.65
N2 VPC C . 27.83 1.24 -4.07
GA VPC C . 26.12 2.36 -5.14
C24 VPC D . -3.65 -5.35 10.96
C23 VPC D . -3.25 -5.38 12.30
C22 VPC D . -3.34 -4.22 13.07
C21 VPC D . -3.82 -3.07 12.47
C5 VPC D . -4.19 -3.08 11.18
C6 VPC D . -4.11 -4.21 10.42
C7 VPC D . -4.55 -3.95 9.18
N3 VPC D . -4.68 -4.77 7.96
C4 VPC D . -5.28 -4.56 6.63
N1 VPC D . -5.67 -3.38 6.15
C1 VPC D . -5.54 -5.40 5.60
C25 VPC D . -5.37 -6.73 5.48
C26 VPC D . -5.74 -7.39 4.30
C27 VPC D . -6.30 -6.66 3.24
C28 VPC D . -6.46 -5.29 3.42
C2 VPC D . -6.09 -4.70 4.57
C3 VPC D . -6.18 -3.42 4.92
N7 VPC D . -6.69 -2.26 4.16
C16 VPC D . -6.80 -0.84 4.46
N6 VPC D . -6.44 -0.29 5.61
C13 VPC D . -7.23 0.20 3.74
C29 VPC D . -7.72 0.25 2.50
C30 VPC D . -8.12 1.47 1.96
C31 VPC D . -8.00 2.65 2.71
C32 VPC D . -7.48 2.54 4.00
C14 VPC D . -7.12 1.33 4.49
C15 VPC D . -6.61 1.02 5.68
N8 VPC D . -6.31 1.84 6.81
C12 VPC D . -5.95 1.60 8.20
N4 VPC D . -5.62 0.41 8.69
C9 VPC D . -5.83 2.45 9.22
C17 VPC D . -6.03 3.78 9.28
C18 VPC D . -5.87 4.50 10.48
C19 VPC D . -5.47 3.79 11.60
C20 VPC D . -5.27 2.40 11.48
C10 VPC D . -5.44 1.76 10.31
C11 VPC D . -5.31 0.46 9.98
N5 VPC D . -4.94 -0.70 10.76
C8 VPC D . -4.67 -2.09 10.43
N2 VPC D . -4.86 -2.68 9.24
GA VPC D . -5.69 -1.46 7.39
#